data_9KBQ
#
_entry.id   9KBQ
#
_cell.length_a   31.860
_cell.length_b   73.770
_cell.length_c   78.620
_cell.angle_alpha   90.000
_cell.angle_beta   93.020
_cell.angle_gamma   90.000
#
_symmetry.space_group_name_H-M   'P 1 21 1'
#
loop_
_entity.id
_entity.type
_entity.pdbx_description
1 polymer Lysozyme
2 water water
#
_entity_poly.entity_id   1
_entity_poly.type   'polypeptide(L)'
_entity_poly.pdbx_seq_one_letter_code
;MSKTTSNAGLNLIKGFEGKRLNAYDDGVGVWTIGFGTIKYPNGVRVKKGDTCTEQQAETYLKNDLTKFEVAINKLVKVSL
TQNQFDALASFTYNLGETNLANSTLLKKLNKGDYQGAADQFLVWNKAGGKVMKGLVRRREAERALFLKK
;
_entity_poly.pdbx_strand_id   A,B
#
# COMPACT_ATOMS: atom_id res chain seq x y z
N SER A 2 -26.59 0.44 -18.07
CA SER A 2 -25.55 0.82 -17.13
C SER A 2 -24.30 -0.05 -17.31
N LYS A 3 -23.15 0.50 -16.98
CA LYS A 3 -21.87 -0.07 -17.39
C LYS A 3 -21.38 -1.14 -16.42
N THR A 4 -20.50 -1.99 -16.93
CA THR A 4 -19.68 -2.89 -16.14
C THR A 4 -18.23 -2.70 -16.55
N THR A 5 -17.32 -3.23 -15.73
CA THR A 5 -15.90 -3.08 -16.02
C THR A 5 -15.51 -3.84 -17.28
N SER A 6 -14.85 -3.15 -18.20
CA SER A 6 -14.36 -3.77 -19.42
C SER A 6 -12.95 -4.31 -19.20
N ASN A 7 -12.36 -4.85 -20.28
CA ASN A 7 -11.04 -5.44 -20.20
C ASN A 7 -9.99 -4.44 -19.73
N ALA A 8 -10.17 -3.15 -20.03
CA ALA A 8 -9.18 -2.15 -19.64
C ALA A 8 -9.10 -2.03 -18.12
N GLY A 9 -10.24 -1.88 -17.45
CA GLY A 9 -10.24 -1.81 -16.00
C GLY A 9 -9.81 -3.12 -15.37
N LEU A 10 -10.22 -4.24 -15.97
CA LEU A 10 -9.81 -5.55 -15.47
C LEU A 10 -8.29 -5.70 -15.54
N ASN A 11 -7.67 -5.22 -16.61
CA ASN A 11 -6.22 -5.28 -16.72
C ASN A 11 -5.56 -4.36 -15.71
N LEU A 12 -6.11 -3.17 -15.50
CA LEU A 12 -5.57 -2.30 -14.46
C LEU A 12 -5.56 -3.01 -13.12
N ILE A 13 -6.66 -3.68 -12.77
CA ILE A 13 -6.75 -4.31 -11.45
C ILE A 13 -5.87 -5.55 -11.38
N LYS A 14 -5.83 -6.33 -12.46
CA LYS A 14 -4.93 -7.48 -12.52
C LYS A 14 -3.48 -7.05 -12.37
N GLY A 15 -3.16 -5.83 -12.82
CA GLY A 15 -1.80 -5.34 -12.71
C GLY A 15 -1.30 -5.26 -11.28
N PHE A 16 -2.12 -4.73 -10.38
CA PHE A 16 -1.67 -4.55 -9.01
C PHE A 16 -2.25 -5.56 -8.03
N GLU A 17 -3.11 -6.48 -8.47
CA GLU A 17 -3.45 -7.60 -7.60
C GLU A 17 -2.58 -8.82 -7.87
N GLY A 18 -2.06 -8.96 -9.09
CA GLY A 18 -1.31 -10.14 -9.45
C GLY A 18 -2.23 -11.34 -9.63
N LYS A 19 -1.62 -12.46 -10.00
CA LYS A 19 -2.33 -13.71 -10.21
C LYS A 19 -1.68 -14.78 -9.34
N ARG A 20 -2.46 -15.40 -8.46
CA ARG A 20 -1.98 -16.45 -7.58
C ARG A 20 -3.06 -17.52 -7.53
N LEU A 21 -2.80 -18.67 -8.14
CA LEU A 21 -3.78 -19.75 -8.22
C LEU A 21 -3.80 -20.64 -6.98
N ASN A 22 -2.87 -20.44 -6.04
CA ASN A 22 -2.93 -21.04 -4.72
C ASN A 22 -3.24 -19.95 -3.71
N ALA A 23 -4.11 -20.26 -2.76
CA ALA A 23 -4.51 -19.27 -1.76
C ALA A 23 -3.32 -18.87 -0.90
N TYR A 24 -3.28 -17.59 -0.52
CA TYR A 24 -2.19 -17.05 0.28
C TYR A 24 -2.75 -16.11 1.34
N ASP A 25 -2.01 -16.01 2.46
CA ASP A 25 -2.29 -15.04 3.50
C ASP A 25 -1.80 -13.66 3.09
N ASP A 26 -2.67 -12.65 3.19
CA ASP A 26 -2.30 -11.29 2.84
C ASP A 26 -1.61 -10.54 3.97
N GLY A 27 -1.46 -11.16 5.14
CA GLY A 27 -0.79 -10.53 6.26
C GLY A 27 -1.72 -10.05 7.35
N VAL A 28 -3.00 -9.90 7.05
CA VAL A 28 -4.00 -9.55 8.07
C VAL A 28 -4.90 -10.75 8.34
N GLY A 29 -4.46 -11.95 7.94
CA GLY A 29 -5.18 -13.16 8.21
C GLY A 29 -6.27 -13.48 7.22
N VAL A 30 -6.32 -12.78 6.10
CA VAL A 30 -7.37 -12.95 5.10
C VAL A 30 -6.77 -13.73 3.93
N TRP A 31 -7.25 -14.95 3.73
CA TRP A 31 -6.73 -15.77 2.66
C TRP A 31 -7.31 -15.31 1.33
N THR A 32 -6.44 -15.27 0.32
CA THR A 32 -6.68 -14.55 -0.92
C THR A 32 -6.24 -15.44 -2.08
N ILE A 33 -6.95 -15.35 -3.22
CA ILE A 33 -6.68 -16.22 -4.34
C ILE A 33 -7.06 -15.52 -5.63
N GLY A 34 -6.49 -15.99 -6.73
CA GLY A 34 -6.78 -15.45 -8.05
C GLY A 34 -6.28 -14.03 -8.21
N PHE A 35 -7.18 -13.12 -8.52
CA PHE A 35 -6.83 -11.70 -8.66
C PHE A 35 -7.39 -10.93 -7.48
N GLY A 36 -6.95 -11.25 -6.27
CA GLY A 36 -7.36 -10.53 -5.08
C GLY A 36 -8.66 -10.98 -4.46
N THR A 37 -9.20 -12.13 -4.85
CA THR A 37 -10.48 -12.60 -4.31
C THR A 37 -10.31 -13.17 -2.91
N ILE A 38 -11.21 -12.78 -2.01
CA ILE A 38 -11.24 -13.31 -0.65
C ILE A 38 -12.54 -14.03 -0.33
N LYS A 39 -13.57 -13.88 -1.16
CA LYS A 39 -14.85 -14.56 -0.96
C LYS A 39 -15.36 -14.98 -2.33
N TYR A 40 -15.73 -16.24 -2.45
CA TYR A 40 -16.28 -16.75 -3.70
C TYR A 40 -17.68 -16.21 -3.90
N PRO A 41 -18.22 -16.25 -5.13
CA PRO A 41 -19.53 -15.64 -5.38
C PRO A 41 -20.67 -16.30 -4.63
N ASN A 42 -20.47 -17.50 -4.07
CA ASN A 42 -21.48 -18.15 -3.25
C ASN A 42 -21.38 -17.74 -1.79
N GLY A 43 -20.52 -16.78 -1.46
CA GLY A 43 -20.36 -16.31 -0.10
C GLY A 43 -19.35 -17.08 0.73
N VAL A 44 -18.73 -18.12 0.19
CA VAL A 44 -17.78 -18.94 0.94
C VAL A 44 -16.43 -18.24 0.94
N ARG A 45 -15.84 -18.09 2.13
CA ARG A 45 -14.55 -17.43 2.23
C ARG A 45 -13.43 -18.32 1.69
N VAL A 46 -12.49 -17.69 0.98
CA VAL A 46 -11.26 -18.35 0.58
C VAL A 46 -10.52 -18.84 1.82
N LYS A 47 -9.93 -20.04 1.74
CA LYS A 47 -9.20 -20.58 2.87
C LYS A 47 -7.87 -21.19 2.41
N LYS A 48 -6.98 -21.41 3.38
CA LYS A 48 -5.70 -22.03 3.11
C LYS A 48 -5.90 -23.39 2.46
N GLY A 49 -5.08 -23.67 1.44
CA GLY A 49 -5.19 -24.90 0.68
C GLY A 49 -6.03 -24.80 -0.57
N ASP A 50 -6.81 -23.74 -0.72
CA ASP A 50 -7.63 -23.58 -1.90
C ASP A 50 -6.76 -23.39 -3.14
N THR A 51 -7.26 -23.90 -4.27
CA THR A 51 -6.65 -23.68 -5.57
C THR A 51 -7.76 -23.32 -6.56
N CYS A 52 -7.41 -22.57 -7.60
CA CYS A 52 -8.37 -22.29 -8.66
C CYS A 52 -7.64 -22.24 -10.00
N THR A 53 -8.44 -22.30 -11.07
CA THR A 53 -7.93 -22.10 -12.41
C THR A 53 -7.97 -20.62 -12.77
N GLU A 54 -7.24 -20.27 -13.83
CA GLU A 54 -7.23 -18.88 -14.28
C GLU A 54 -8.63 -18.43 -14.69
N GLN A 55 -9.40 -19.33 -15.32
CA GLN A 55 -10.77 -19.01 -15.72
C GLN A 55 -11.64 -18.70 -14.51
N GLN A 56 -11.55 -19.55 -13.48
CA GLN A 56 -12.28 -19.31 -12.24
C GLN A 56 -11.86 -17.97 -11.63
N ALA A 57 -10.56 -17.69 -11.61
CA ALA A 57 -10.09 -16.43 -11.05
C ALA A 57 -10.67 -15.24 -11.81
N GLU A 58 -10.77 -15.34 -13.14
CA GLU A 58 -11.37 -14.25 -13.90
C GLU A 58 -12.84 -14.06 -13.52
N THR A 59 -13.58 -15.16 -13.45
CA THR A 59 -14.98 -15.05 -13.02
C THR A 59 -15.10 -14.43 -11.63
N TYR A 60 -14.21 -14.83 -10.70
CA TYR A 60 -14.28 -14.33 -9.35
C TYR A 60 -13.98 -12.83 -9.30
N LEU A 61 -13.00 -12.39 -10.06
CA LEU A 61 -12.69 -10.96 -10.11
C LEU A 61 -13.85 -10.16 -10.67
N LYS A 62 -14.46 -10.65 -11.76
CA LYS A 62 -15.62 -9.96 -12.31
C LYS A 62 -16.73 -9.88 -11.29
N ASN A 63 -16.91 -10.93 -10.49
CA ASN A 63 -17.91 -10.88 -9.43
C ASN A 63 -17.52 -9.89 -8.34
N ASP A 64 -16.24 -9.84 -7.98
CA ASP A 64 -15.79 -8.93 -6.93
C ASP A 64 -16.08 -7.49 -7.32
N LEU A 65 -16.01 -7.20 -8.62
CA LEU A 65 -16.18 -5.82 -9.09
C LEU A 65 -17.62 -5.35 -9.06
N THR A 66 -18.60 -6.25 -8.95
CA THR A 66 -19.99 -5.85 -9.08
C THR A 66 -20.42 -4.82 -8.04
N LYS A 67 -20.03 -5.01 -6.78
CA LYS A 67 -20.40 -4.05 -5.75
C LYS A 67 -19.84 -2.66 -6.05
N PHE A 68 -18.63 -2.60 -6.59
CA PHE A 68 -18.03 -1.30 -6.91
C PHE A 68 -18.67 -0.69 -8.14
N GLU A 69 -19.03 -1.52 -9.12
CA GLU A 69 -19.76 -1.03 -10.28
C GLU A 69 -21.10 -0.43 -9.86
N VAL A 70 -21.80 -1.11 -8.96
CA VAL A 70 -23.06 -0.59 -8.43
C VAL A 70 -22.84 0.75 -7.75
N ALA A 71 -21.79 0.84 -6.92
CA ALA A 71 -21.50 2.10 -6.25
C ALA A 71 -21.24 3.22 -7.25
N ILE A 72 -20.45 2.95 -8.30
CA ILE A 72 -20.14 4.01 -9.26
C ILE A 72 -21.40 4.44 -10.00
N ASN A 73 -22.23 3.49 -10.40
CA ASN A 73 -23.43 3.84 -11.16
C ASN A 73 -24.43 4.60 -10.30
N LYS A 74 -24.42 4.36 -8.98
CA LYS A 74 -25.28 5.13 -8.09
C LYS A 74 -24.72 6.53 -7.83
N LEU A 75 -23.41 6.64 -7.65
CA LEU A 75 -22.81 7.87 -7.16
C LEU A 75 -22.51 8.88 -8.27
N VAL A 76 -22.21 8.42 -9.48
CA VAL A 76 -21.83 9.32 -10.58
C VAL A 76 -23.09 9.76 -11.31
N LYS A 77 -23.22 11.07 -11.49
CA LYS A 77 -24.42 11.68 -12.07
C LYS A 77 -24.15 12.34 -13.41
N VAL A 78 -23.03 12.04 -14.05
CA VAL A 78 -22.68 12.61 -15.35
C VAL A 78 -22.31 11.46 -16.27
N SER A 79 -22.16 11.77 -17.56
CA SER A 79 -21.76 10.76 -18.51
C SER A 79 -20.33 10.29 -18.24
N LEU A 80 -20.07 9.03 -18.57
CA LEU A 80 -18.73 8.45 -18.49
C LEU A 80 -18.44 7.72 -19.78
N THR A 81 -17.28 7.97 -20.37
CA THR A 81 -16.79 7.02 -21.35
C THR A 81 -16.50 5.69 -20.66
N GLN A 82 -16.38 4.62 -21.44
CA GLN A 82 -16.02 3.34 -20.85
C GLN A 82 -14.65 3.41 -20.19
N ASN A 83 -13.72 4.17 -20.78
CA ASN A 83 -12.40 4.35 -20.17
C ASN A 83 -12.52 4.99 -18.79
N GLN A 84 -13.37 6.01 -18.67
CA GLN A 84 -13.54 6.69 -17.40
C GLN A 84 -14.18 5.77 -16.36
N PHE A 85 -15.18 5.00 -16.78
CA PHE A 85 -15.79 4.02 -15.88
C PHE A 85 -14.75 3.01 -15.40
N ASP A 86 -13.92 2.51 -16.32
CA ASP A 86 -12.90 1.52 -15.95
C ASP A 86 -11.88 2.11 -14.97
N ALA A 87 -11.48 3.36 -15.21
CA ALA A 87 -10.57 4.01 -14.28
C ALA A 87 -11.19 4.12 -12.89
N LEU A 88 -12.48 4.49 -12.83
CA LEU A 88 -13.16 4.60 -11.54
C LEU A 88 -13.34 3.22 -10.91
N ALA A 89 -13.52 2.19 -11.72
CA ALA A 89 -13.65 0.84 -11.19
C ALA A 89 -12.37 0.41 -10.49
N SER A 90 -11.22 0.66 -11.13
CA SER A 90 -9.95 0.35 -10.49
C SER A 90 -9.76 1.16 -9.20
N PHE A 91 -10.00 2.47 -9.29
CA PHE A 91 -9.86 3.34 -8.12
C PHE A 91 -10.72 2.88 -6.95
N THR A 92 -11.99 2.56 -7.22
CA THR A 92 -12.96 2.23 -6.18
C THR A 92 -12.76 0.82 -5.65
N TYR A 93 -12.37 -0.12 -6.51
CA TYR A 93 -11.94 -1.43 -6.06
C TYR A 93 -10.84 -1.30 -5.03
N ASN A 94 -9.88 -0.41 -5.28
CA ASN A 94 -8.73 -0.26 -4.38
C ASN A 94 -9.09 0.50 -3.11
N LEU A 95 -9.90 1.55 -3.23
CA LEU A 95 -10.09 2.49 -2.13
C LEU A 95 -11.45 2.39 -1.44
N GLY A 96 -12.45 1.77 -2.06
CA GLY A 96 -13.73 1.54 -1.43
C GLY A 96 -14.76 2.62 -1.73
N GLU A 97 -16.03 2.26 -1.48
CA GLU A 97 -17.15 3.11 -1.84
C GLU A 97 -17.20 4.38 -0.99
N THR A 98 -16.90 4.27 0.31
CA THR A 98 -16.97 5.45 1.17
C THR A 98 -15.96 6.50 0.75
N ASN A 99 -14.74 6.08 0.43
CA ASN A 99 -13.73 7.04 -0.03
C ASN A 99 -14.16 7.71 -1.32
N LEU A 100 -14.74 6.95 -2.26
CA LEU A 100 -15.22 7.58 -3.48
C LEU A 100 -16.33 8.57 -3.18
N ALA A 101 -17.28 8.17 -2.34
CA ALA A 101 -18.46 8.99 -2.07
C ALA A 101 -18.08 10.34 -1.45
N ASN A 102 -17.06 10.35 -0.60
CA ASN A 102 -16.66 11.58 0.08
C ASN A 102 -15.57 12.34 -0.67
N SER A 103 -15.18 11.90 -1.86
CA SER A 103 -13.98 12.44 -2.48
C SER A 103 -14.26 13.76 -3.21
N THR A 104 -13.25 14.62 -3.21
CA THR A 104 -13.28 15.78 -4.09
C THR A 104 -13.33 15.34 -5.55
N LEU A 105 -12.76 14.18 -5.84
CA LEU A 105 -12.85 13.59 -7.19
C LEU A 105 -14.30 13.54 -7.66
N LEU A 106 -15.16 12.87 -6.87
CA LEU A 106 -16.56 12.72 -7.25
C LEU A 106 -17.28 14.06 -7.26
N LYS A 107 -16.97 14.94 -6.31
CA LYS A 107 -17.61 16.26 -6.29
C LYS A 107 -17.36 17.02 -7.60
N LYS A 108 -16.10 17.08 -8.02
CA LYS A 108 -15.79 17.78 -9.27
C LYS A 108 -16.39 17.05 -10.46
N LEU A 109 -16.32 15.72 -10.47
CA LEU A 109 -16.87 14.97 -11.59
C LEU A 109 -18.35 15.26 -11.77
N ASN A 110 -19.11 15.27 -10.66
CA ASN A 110 -20.54 15.46 -10.73
C ASN A 110 -20.93 16.90 -11.00
N LYS A 111 -19.99 17.84 -10.87
CA LYS A 111 -20.22 19.17 -11.41
C LYS A 111 -20.01 19.24 -12.92
N GLY A 112 -19.52 18.17 -13.54
CA GLY A 112 -19.11 18.21 -14.94
C GLY A 112 -17.67 18.60 -15.17
N ASP A 113 -16.86 18.66 -14.11
CA ASP A 113 -15.46 19.08 -14.21
C ASP A 113 -14.59 17.83 -14.33
N TYR A 114 -14.51 17.32 -15.56
CA TYR A 114 -13.78 16.06 -15.81
C TYR A 114 -12.28 16.22 -15.60
N GLN A 115 -11.71 17.36 -16.00
CA GLN A 115 -10.26 17.53 -15.83
C GLN A 115 -9.89 17.62 -14.35
N GLY A 116 -10.69 18.35 -13.56
CA GLY A 116 -10.44 18.40 -12.14
C GLY A 116 -10.53 17.03 -11.48
N ALA A 117 -11.54 16.25 -11.86
CA ALA A 117 -11.66 14.89 -11.31
C ALA A 117 -10.45 14.04 -11.68
N ALA A 118 -10.02 14.11 -12.94
CA ALA A 118 -8.87 13.36 -13.38
C ALA A 118 -7.65 13.68 -12.52
N ASP A 119 -7.46 14.97 -12.21
CA ASP A 119 -6.33 15.34 -11.37
C ASP A 119 -6.51 14.87 -9.92
N GLN A 120 -7.76 14.76 -9.44
CA GLN A 120 -7.98 14.25 -8.08
C GLN A 120 -7.60 12.78 -7.91
N PHE A 121 -7.57 12.00 -9.00
CA PHE A 121 -7.05 10.62 -8.82
C PHE A 121 -5.70 10.62 -8.09
N LEU A 122 -4.83 11.59 -8.38
CA LEU A 122 -3.44 11.55 -7.95
C LEU A 122 -3.24 11.80 -6.47
N VAL A 123 -4.26 12.33 -5.77
CA VAL A 123 -4.04 12.62 -4.35
C VAL A 123 -4.20 11.40 -3.48
N TRP A 124 -4.68 10.28 -4.03
CA TRP A 124 -4.92 9.06 -3.26
C TRP A 124 -3.74 8.10 -3.37
N ASN A 125 -2.58 8.57 -2.91
CA ASN A 125 -1.35 7.81 -3.08
C ASN A 125 -0.75 7.37 -1.74
N LYS A 126 -1.53 7.41 -0.66
CA LYS A 126 -1.04 7.14 0.68
C LYS A 126 -1.70 5.89 1.27
N ALA A 127 -0.95 5.20 2.13
CA ALA A 127 -1.47 4.08 2.90
C ALA A 127 -0.80 4.11 4.25
N GLY A 128 -1.60 4.16 5.32
CA GLY A 128 -1.04 4.18 6.67
C GLY A 128 -0.08 5.32 6.91
N GLY A 129 -0.34 6.50 6.36
CA GLY A 129 0.53 7.64 6.53
C GLY A 129 1.74 7.68 5.62
N LYS A 130 1.86 6.75 4.68
CA LYS A 130 3.06 6.55 3.89
C LYS A 130 2.70 6.70 2.41
N VAL A 131 3.33 7.66 1.74
CA VAL A 131 3.20 7.74 0.29
C VAL A 131 3.84 6.51 -0.33
N MET A 132 3.06 5.77 -1.12
CA MET A 132 3.47 4.50 -1.69
C MET A 132 3.71 4.67 -3.19
N LYS A 133 4.89 4.25 -3.66
CA LYS A 133 5.18 4.32 -5.09
C LYS A 133 4.16 3.54 -5.90
N GLY A 134 3.79 2.34 -5.43
CA GLY A 134 2.81 1.54 -6.14
C GLY A 134 1.46 2.22 -6.27
N LEU A 135 1.05 2.94 -5.23
CA LEU A 135 -0.22 3.65 -5.29
C LEU A 135 -0.12 4.83 -6.26
N VAL A 136 1.01 5.53 -6.27
CA VAL A 136 1.20 6.60 -7.26
C VAL A 136 1.07 6.02 -8.66
N ARG A 137 1.69 4.86 -8.90
CA ARG A 137 1.61 4.22 -10.20
C ARG A 137 0.16 3.88 -10.57
N ARG A 138 -0.58 3.28 -9.63
CA ARG A 138 -1.98 2.96 -9.88
C ARG A 138 -2.78 4.22 -10.22
N ARG A 139 -2.59 5.29 -9.45
CA ARG A 139 -3.37 6.50 -9.65
C ARG A 139 -3.03 7.16 -10.98
N GLU A 140 -1.75 7.15 -11.35
CA GLU A 140 -1.37 7.75 -12.63
C GLU A 140 -1.93 6.95 -13.80
N ALA A 141 -1.93 5.61 -13.68
CA ALA A 141 -2.54 4.79 -14.73
C ALA A 141 -4.04 5.04 -14.83
N GLU A 142 -4.71 5.18 -13.69
CA GLU A 142 -6.15 5.43 -13.70
C GLU A 142 -6.45 6.79 -14.33
N ARG A 143 -5.67 7.81 -13.95
CA ARG A 143 -5.84 9.15 -14.53
C ARG A 143 -5.64 9.12 -16.04
N ALA A 144 -4.59 8.42 -16.50
CA ALA A 144 -4.31 8.37 -17.93
C ALA A 144 -5.42 7.70 -18.69
N LEU A 145 -5.96 6.59 -18.15
CA LEU A 145 -7.09 5.93 -18.81
C LEU A 145 -8.32 6.83 -18.80
N PHE A 146 -8.57 7.51 -17.68
CA PHE A 146 -9.70 8.42 -17.55
C PHE A 146 -9.64 9.52 -18.59
N LEU A 147 -8.43 9.99 -18.92
CA LEU A 147 -8.27 11.10 -19.86
C LEU A 147 -8.19 10.64 -21.30
N LYS A 148 -8.15 9.34 -21.56
CA LYS A 148 -7.97 8.81 -22.89
C LYS A 148 -9.29 8.81 -23.67
N SER B 2 9.09 5.74 26.28
CA SER B 2 8.75 5.36 24.91
C SER B 2 9.99 5.37 24.03
N LYS B 3 10.08 4.38 23.15
CA LYS B 3 11.28 4.15 22.36
C LYS B 3 11.29 5.00 21.11
N THR B 4 12.50 5.25 20.61
CA THR B 4 12.72 5.78 19.27
C THR B 4 13.64 4.82 18.53
N THR B 5 13.71 4.97 17.22
CA THR B 5 14.52 4.05 16.43
C THR B 5 16.00 4.26 16.73
N SER B 6 16.67 3.18 17.10
CA SER B 6 18.09 3.21 17.41
C SER B 6 18.89 2.98 16.13
N ASN B 7 20.21 2.84 16.27
CA ASN B 7 21.09 2.75 15.10
C ASN B 7 20.89 1.45 14.33
N ALA B 8 20.48 0.36 14.99
CA ALA B 8 20.22 -0.86 14.25
C ALA B 8 19.09 -0.67 13.24
N GLY B 9 17.97 -0.12 13.69
CA GLY B 9 16.87 0.13 12.78
C GLY B 9 17.21 1.18 11.73
N LEU B 10 17.93 2.22 12.14
CA LEU B 10 18.33 3.24 11.18
C LEU B 10 19.23 2.66 10.09
N ASN B 11 20.17 1.80 10.47
CA ASN B 11 21.04 1.18 9.47
C ASN B 11 20.26 0.24 8.56
N LEU B 12 19.33 -0.53 9.11
CA LEU B 12 18.46 -1.36 8.29
C LEU B 12 17.75 -0.52 7.23
N ILE B 13 17.07 0.54 7.68
CA ILE B 13 16.27 1.36 6.76
C ILE B 13 17.17 2.09 5.78
N LYS B 14 18.33 2.57 6.24
CA LYS B 14 19.27 3.26 5.35
C LYS B 14 19.76 2.33 4.25
N GLY B 15 20.04 1.07 4.60
CA GLY B 15 20.40 0.10 3.59
C GLY B 15 19.29 -0.11 2.57
N PHE B 16 18.04 -0.15 3.03
CA PHE B 16 16.95 -0.41 2.08
C PHE B 16 16.63 0.79 1.20
N GLU B 17 16.66 2.01 1.75
CA GLU B 17 16.33 3.20 0.98
C GLU B 17 17.44 3.62 0.04
N GLY B 18 18.68 3.26 0.35
CA GLY B 18 19.82 3.79 -0.37
C GLY B 18 20.14 5.21 0.06
N LYS B 19 21.39 5.61 -0.13
CA LYS B 19 21.84 6.97 0.14
C LYS B 19 21.87 7.75 -1.17
N ARG B 20 21.12 8.85 -1.24
CA ARG B 20 21.14 9.73 -2.40
C ARG B 20 21.19 11.17 -1.92
N LEU B 21 22.34 11.81 -2.11
CA LEU B 21 22.53 13.19 -1.67
C LEU B 21 22.10 14.21 -2.71
N ASN B 22 21.66 13.77 -3.89
CA ASN B 22 21.02 14.63 -4.86
C ASN B 22 19.58 14.15 -5.06
N ALA B 23 18.65 15.11 -5.09
CA ALA B 23 17.25 14.77 -5.26
C ALA B 23 17.04 13.94 -6.52
N TYR B 24 16.21 12.91 -6.41
CA TYR B 24 15.98 12.01 -7.53
C TYR B 24 14.49 11.71 -7.64
N ASP B 25 14.05 11.51 -8.88
CA ASP B 25 12.72 10.96 -9.13
C ASP B 25 12.74 9.50 -8.70
N ASP B 26 11.85 9.14 -7.76
CA ASP B 26 11.88 7.80 -7.21
C ASP B 26 11.31 6.76 -8.17
N GLY B 27 10.93 7.16 -9.37
CA GLY B 27 10.33 6.28 -10.37
C GLY B 27 8.88 6.59 -10.69
N VAL B 28 8.20 7.41 -9.89
CA VAL B 28 6.79 7.72 -10.12
C VAL B 28 6.58 9.23 -10.03
N GLY B 29 7.65 10.01 -10.14
CA GLY B 29 7.54 11.45 -10.18
C GLY B 29 7.54 12.15 -8.83
N VAL B 30 7.75 11.43 -7.74
CA VAL B 30 7.83 12.03 -6.40
C VAL B 30 9.31 12.25 -6.09
N TRP B 31 9.70 13.51 -5.98
CA TRP B 31 11.11 13.81 -5.78
C TRP B 31 11.53 13.49 -4.36
N THR B 32 12.68 12.81 -4.23
CA THR B 32 13.13 12.17 -3.01
C THR B 32 14.60 12.47 -2.81
N ILE B 33 15.05 12.48 -1.55
CA ILE B 33 16.45 12.76 -1.23
C ILE B 33 16.82 12.06 0.06
N GLY B 34 18.13 11.89 0.26
CA GLY B 34 18.61 11.31 1.51
C GLY B 34 18.29 9.83 1.55
N PHE B 35 17.61 9.41 2.62
CA PHE B 35 17.17 8.03 2.79
C PHE B 35 15.65 7.97 2.71
N GLY B 36 15.13 8.28 1.53
CA GLY B 36 13.69 8.20 1.27
C GLY B 36 12.87 9.41 1.65
N THR B 37 13.49 10.56 1.90
CA THR B 37 12.76 11.74 2.35
C THR B 37 12.10 12.44 1.17
N ILE B 38 10.82 12.78 1.32
CA ILE B 38 10.11 13.56 0.31
C ILE B 38 9.64 14.91 0.83
N LYS B 39 9.70 15.14 2.15
CA LYS B 39 9.32 16.42 2.73
C LYS B 39 10.25 16.70 3.91
N TYR B 40 10.84 17.89 3.91
CA TYR B 40 11.72 18.29 5.00
C TYR B 40 10.90 18.54 6.26
N PRO B 41 11.55 18.54 7.44
CA PRO B 41 10.79 18.71 8.68
C PRO B 41 10.10 20.06 8.81
N ASN B 42 10.47 21.06 8.01
CA ASN B 42 9.78 22.35 8.03
C ASN B 42 8.57 22.37 7.10
N GLY B 43 8.22 21.23 6.50
CA GLY B 43 7.08 21.15 5.62
C GLY B 43 7.38 21.37 4.15
N VAL B 44 8.60 21.79 3.80
CA VAL B 44 8.93 22.08 2.40
C VAL B 44 9.13 20.76 1.66
N ARG B 45 8.51 20.63 0.49
CA ARG B 45 8.66 19.40 -0.26
C ARG B 45 9.99 19.37 -0.99
N VAL B 46 10.59 18.17 -1.03
CA VAL B 46 11.79 17.94 -1.84
C VAL B 46 11.48 18.22 -3.30
N LYS B 47 12.43 18.82 -3.99
CA LYS B 47 12.24 19.12 -5.40
C LYS B 47 13.52 18.83 -6.18
N LYS B 48 13.37 18.73 -7.51
CA LYS B 48 14.50 18.51 -8.39
C LYS B 48 15.57 19.59 -8.20
N GLY B 49 16.82 19.16 -8.15
CA GLY B 49 17.93 20.06 -7.93
C GLY B 49 18.36 20.21 -6.49
N ASP B 50 17.57 19.70 -5.55
CA ASP B 50 17.95 19.75 -4.15
C ASP B 50 19.18 18.88 -3.89
N THR B 51 20.02 19.32 -2.97
CA THR B 51 21.13 18.54 -2.48
C THR B 51 21.11 18.56 -0.96
N CYS B 52 21.70 17.55 -0.34
CA CYS B 52 21.82 17.53 1.11
C CYS B 52 23.10 16.83 1.52
N THR B 53 23.47 17.01 2.79
CA THR B 53 24.61 16.32 3.38
C THR B 53 24.15 15.00 3.99
N GLU B 54 25.13 14.15 4.34
CA GLU B 54 24.81 12.89 5.02
C GLU B 54 24.13 13.14 6.35
N GLN B 55 24.64 14.09 7.14
CA GLN B 55 24.04 14.40 8.43
C GLN B 55 22.61 14.88 8.26
N GLN B 56 22.37 15.74 7.27
CA GLN B 56 21.02 16.22 7.01
C GLN B 56 20.11 15.06 6.64
N ALA B 57 20.58 14.16 5.78
CA ALA B 57 19.79 13.00 5.39
C ALA B 57 19.42 12.14 6.60
N GLU B 58 20.36 11.93 7.51
CA GLU B 58 20.03 11.14 8.70
C GLU B 58 19.02 11.87 9.57
N THR B 59 19.16 13.18 9.74
CA THR B 59 18.18 13.93 10.51
C THR B 59 16.79 13.82 9.89
N TYR B 60 16.73 13.92 8.56
CA TYR B 60 15.44 13.86 7.86
C TYR B 60 14.81 12.48 8.00
N LEU B 61 15.62 11.42 7.92
CA LEU B 61 15.12 10.06 8.14
C LEU B 61 14.57 9.93 9.56
N LYS B 62 15.31 10.40 10.55
CA LYS B 62 14.84 10.33 11.94
C LYS B 62 13.51 11.05 12.08
N ASN B 63 13.36 12.20 11.41
CA ASN B 63 12.08 12.90 11.45
C ASN B 63 10.98 12.10 10.76
N ASP B 64 11.29 11.49 9.61
CA ASP B 64 10.26 10.73 8.89
C ASP B 64 9.77 9.57 9.72
N LEU B 65 10.62 9.03 10.58
CA LEU B 65 10.24 7.86 11.38
C LEU B 65 9.30 8.19 12.54
N THR B 66 9.22 9.45 12.97
CA THR B 66 8.56 9.79 14.22
C THR B 66 7.09 9.34 14.26
N LYS B 67 6.34 9.55 13.18
CA LYS B 67 4.92 9.17 13.20
C LYS B 67 4.76 7.66 13.33
N PHE B 68 5.66 6.89 12.71
CA PHE B 68 5.58 5.44 12.80
C PHE B 68 6.03 4.95 14.17
N GLU B 69 7.01 5.62 14.78
CA GLU B 69 7.39 5.30 16.15
C GLU B 69 6.23 5.55 17.12
N VAL B 70 5.54 6.68 16.94
CA VAL B 70 4.35 6.96 17.75
C VAL B 70 3.33 5.85 17.58
N ALA B 71 3.08 5.44 16.33
CA ALA B 71 2.14 4.34 16.08
C ALA B 71 2.56 3.06 16.80
N ILE B 72 3.85 2.71 16.73
CA ILE B 72 4.30 1.47 17.36
C ILE B 72 4.14 1.53 18.87
N ASN B 73 4.51 2.66 19.48
CA ASN B 73 4.38 2.79 20.92
C ASN B 73 2.92 2.76 21.36
N LYS B 74 2.01 3.24 20.51
CA LYS B 74 0.59 3.18 20.84
C LYS B 74 0.01 1.77 20.66
N LEU B 75 0.44 1.08 19.60
CA LEU B 75 -0.22 -0.17 19.20
C LEU B 75 0.30 -1.39 19.96
N VAL B 76 1.58 -1.41 20.32
CA VAL B 76 2.17 -2.58 20.96
C VAL B 76 1.91 -2.48 22.47
N LYS B 77 1.40 -3.57 23.04
CA LYS B 77 0.96 -3.59 24.43
C LYS B 77 1.77 -4.55 25.28
N VAL B 78 2.89 -5.05 24.76
CA VAL B 78 3.81 -5.92 25.50
C VAL B 78 5.19 -5.27 25.45
N SER B 79 6.11 -5.84 26.22
CA SER B 79 7.46 -5.30 26.24
C SER B 79 8.16 -5.56 24.90
N LEU B 80 9.03 -4.62 24.53
CA LEU B 80 9.88 -4.76 23.36
C LEU B 80 11.32 -4.51 23.75
N THR B 81 12.22 -5.38 23.29
CA THR B 81 13.61 -5.02 23.28
C THR B 81 13.83 -3.93 22.24
N GLN B 82 14.96 -3.23 22.35
CA GLN B 82 15.24 -2.18 21.37
C GLN B 82 15.38 -2.78 19.96
N ASN B 83 15.94 -3.98 19.87
CA ASN B 83 16.01 -4.68 18.59
C ASN B 83 14.63 -4.91 18.00
N GLN B 84 13.68 -5.34 18.83
CA GLN B 84 12.32 -5.61 18.35
C GLN B 84 11.65 -4.31 17.91
N PHE B 85 11.81 -3.23 18.68
CA PHE B 85 11.27 -1.95 18.27
C PHE B 85 11.87 -1.51 16.94
N ASP B 86 13.17 -1.68 16.76
CA ASP B 86 13.84 -1.25 15.53
C ASP B 86 13.34 -2.04 14.32
N ALA B 87 13.16 -3.35 14.49
CA ALA B 87 12.60 -4.17 13.43
C ALA B 87 11.20 -3.72 13.07
N LEU B 88 10.37 -3.42 14.08
CA LEU B 88 9.03 -2.92 13.81
C LEU B 88 9.06 -1.56 13.15
N ALA B 89 10.05 -0.72 13.48
CA ALA B 89 10.17 0.59 12.83
C ALA B 89 10.47 0.44 11.36
N SER B 90 11.37 -0.47 11.01
CA SER B 90 11.63 -0.72 9.59
C SER B 90 10.39 -1.25 8.88
N PHE B 91 9.75 -2.25 9.48
CA PHE B 91 8.54 -2.84 8.90
C PHE B 91 7.46 -1.78 8.67
N THR B 92 7.23 -0.93 9.68
CA THR B 92 6.14 0.03 9.64
C THR B 92 6.47 1.21 8.74
N TYR B 93 7.74 1.63 8.71
CA TYR B 93 8.17 2.63 7.74
C TYR B 93 7.94 2.16 6.32
N ASN B 94 8.12 0.85 6.09
CA ASN B 94 7.94 0.33 4.74
C ASN B 94 6.46 0.15 4.39
N LEU B 95 5.66 -0.37 5.33
CA LEU B 95 4.29 -0.80 5.01
C LEU B 95 3.21 0.12 5.53
N GLY B 96 3.53 1.11 6.37
CA GLY B 96 2.53 2.02 6.88
C GLY B 96 1.89 1.53 8.17
N GLU B 97 1.27 2.49 8.88
CA GLU B 97 0.70 2.21 10.19
C GLU B 97 -0.56 1.36 10.12
N THR B 98 -1.34 1.47 9.04
CA THR B 98 -2.57 0.68 8.95
C THR B 98 -2.25 -0.81 8.79
N ASN B 99 -1.26 -1.14 7.96
CA ASN B 99 -0.85 -2.52 7.81
C ASN B 99 -0.35 -3.10 9.13
N LEU B 100 0.43 -2.32 9.89
CA LEU B 100 0.81 -2.80 11.22
C LEU B 100 -0.41 -3.01 12.11
N ALA B 101 -1.30 -2.02 12.14
CA ALA B 101 -2.46 -2.09 13.03
C ALA B 101 -3.35 -3.29 12.74
N ASN B 102 -3.51 -3.65 11.47
CA ASN B 102 -4.37 -4.78 11.11
C ASN B 102 -3.64 -6.11 11.04
N SER B 103 -2.32 -6.13 11.23
CA SER B 103 -1.53 -7.31 10.92
C SER B 103 -1.76 -8.42 11.93
N THR B 104 -1.70 -9.66 11.44
CA THR B 104 -1.60 -10.82 12.33
C THR B 104 -0.37 -10.72 13.22
N LEU B 105 0.72 -10.15 12.68
CA LEU B 105 1.93 -9.87 13.44
C LEU B 105 1.61 -9.20 14.78
N LEU B 106 0.89 -8.09 14.73
CA LEU B 106 0.57 -7.32 15.93
C LEU B 106 -0.39 -8.09 16.84
N LYS B 107 -1.38 -8.77 16.27
CA LYS B 107 -2.28 -9.59 17.08
C LYS B 107 -1.50 -10.60 17.91
N LYS B 108 -0.62 -11.35 17.24
CA LYS B 108 0.18 -12.35 17.97
C LYS B 108 1.12 -11.69 18.96
N LEU B 109 1.73 -10.57 18.57
CA LEU B 109 2.65 -9.88 19.46
C LEU B 109 1.95 -9.46 20.75
N ASN B 110 0.75 -8.88 20.63
CA ASN B 110 0.03 -8.43 21.82
C ASN B 110 -0.58 -9.57 22.61
N LYS B 111 -0.58 -10.79 22.10
CA LYS B 111 -0.87 -11.95 22.93
C LYS B 111 0.35 -12.47 23.68
N GLY B 112 1.51 -11.83 23.52
CA GLY B 112 2.74 -12.32 24.10
C GLY B 112 3.48 -13.34 23.26
N ASP B 113 2.99 -13.60 22.04
CA ASP B 113 3.53 -14.64 21.15
C ASP B 113 4.62 -14.03 20.27
N TYR B 114 5.79 -13.82 20.86
CA TYR B 114 6.89 -13.17 20.14
C TYR B 114 7.38 -14.00 18.96
N GLN B 115 7.45 -15.33 19.11
CA GLN B 115 7.94 -16.15 18.01
C GLN B 115 6.96 -16.14 16.84
N GLY B 116 5.66 -16.22 17.13
CA GLY B 116 4.67 -16.12 16.07
C GLY B 116 4.71 -14.78 15.38
N ALA B 117 4.85 -13.71 16.16
CA ALA B 117 4.98 -12.37 15.58
C ALA B 117 6.20 -12.29 14.68
N ALA B 118 7.35 -12.81 15.14
CA ALA B 118 8.56 -12.81 14.33
C ALA B 118 8.34 -13.54 13.01
N ASP B 119 7.63 -14.66 13.05
CA ASP B 119 7.40 -15.39 11.82
C ASP B 119 6.44 -14.66 10.89
N GLN B 120 5.57 -13.79 11.43
CA GLN B 120 4.66 -13.04 10.56
C GLN B 120 5.37 -11.99 9.70
N PHE B 121 6.57 -11.53 10.07
CA PHE B 121 7.30 -10.62 9.19
C PHE B 121 7.39 -11.19 7.78
N LEU B 122 7.65 -12.49 7.68
CA LEU B 122 7.89 -13.14 6.40
C LEU B 122 6.66 -13.19 5.51
N VAL B 123 5.47 -12.98 6.06
CA VAL B 123 4.25 -13.03 5.25
C VAL B 123 4.19 -11.83 4.31
N TRP B 124 4.82 -10.72 4.69
CA TRP B 124 4.69 -9.45 3.98
C TRP B 124 5.78 -9.30 2.92
N ASN B 125 5.78 -10.23 1.96
CA ASN B 125 6.83 -10.28 0.95
C ASN B 125 6.30 -9.99 -0.46
N LYS B 126 5.12 -9.40 -0.57
CA LYS B 126 4.45 -9.28 -1.87
C LYS B 126 4.21 -7.84 -2.25
N ALA B 127 4.38 -7.56 -3.54
CA ALA B 127 4.04 -6.28 -4.15
C ALA B 127 3.29 -6.60 -5.44
N GLY B 128 2.07 -6.08 -5.56
CA GLY B 128 1.25 -6.42 -6.71
C GLY B 128 1.01 -7.91 -6.84
N GLY B 129 0.85 -8.60 -5.71
CA GLY B 129 0.59 -10.02 -5.72
C GLY B 129 1.77 -10.91 -6.05
N LYS B 130 2.91 -10.33 -6.46
CA LYS B 130 4.11 -11.08 -6.75
C LYS B 130 5.04 -11.06 -5.54
N VAL B 131 5.60 -12.22 -5.22
CA VAL B 131 6.65 -12.25 -4.20
C VAL B 131 7.92 -11.62 -4.77
N MET B 132 8.42 -10.61 -4.08
CA MET B 132 9.64 -9.89 -4.50
C MET B 132 10.82 -10.38 -3.68
N LYS B 133 11.91 -10.72 -4.36
CA LYS B 133 13.11 -11.20 -3.68
C LYS B 133 13.66 -10.14 -2.72
N GLY B 134 13.59 -8.87 -3.10
CA GLY B 134 14.02 -7.81 -2.22
C GLY B 134 13.18 -7.72 -0.96
N LEU B 135 11.86 -7.89 -1.10
CA LEU B 135 11.00 -7.87 0.09
C LEU B 135 11.23 -9.08 0.96
N VAL B 136 11.53 -10.24 0.35
CA VAL B 136 11.89 -11.43 1.13
C VAL B 136 13.13 -11.15 1.95
N ARG B 137 14.17 -10.60 1.30
CA ARG B 137 15.41 -10.29 2.01
C ARG B 137 15.17 -9.29 3.13
N ARG B 138 14.33 -8.28 2.86
CA ARG B 138 14.05 -7.25 3.86
C ARG B 138 13.31 -7.82 5.06
N ARG B 139 12.25 -8.59 4.82
CA ARG B 139 11.49 -9.19 5.91
C ARG B 139 12.35 -10.17 6.70
N GLU B 140 13.27 -10.87 6.02
CA GLU B 140 14.17 -11.78 6.73
C GLU B 140 15.13 -11.01 7.63
N ALA B 141 15.67 -9.88 7.15
CA ALA B 141 16.53 -9.06 7.99
C ALA B 141 15.77 -8.50 9.19
N GLU B 142 14.53 -8.07 8.97
CA GLU B 142 13.74 -7.52 10.06
C GLU B 142 13.42 -8.59 11.09
N ARG B 143 13.04 -9.79 10.64
CA ARG B 143 12.80 -10.90 11.56
C ARG B 143 14.06 -11.25 12.33
N ALA B 144 15.21 -11.26 11.65
CA ALA B 144 16.47 -11.59 12.32
C ALA B 144 16.78 -10.58 13.43
N LEU B 145 16.56 -9.29 13.16
CA LEU B 145 16.79 -8.29 14.20
C LEU B 145 15.78 -8.44 15.34
N PHE B 146 14.52 -8.73 14.99
CA PHE B 146 13.48 -8.92 16.01
C PHE B 146 13.85 -10.04 16.98
N LEU B 147 14.48 -11.10 16.49
CA LEU B 147 14.81 -12.26 17.31
C LEU B 147 16.19 -12.15 17.94
N LYS B 148 16.94 -11.11 17.64
CA LYS B 148 18.29 -10.93 18.19
C LYS B 148 18.23 -10.65 19.69
#